data_3CD2
#
_entry.id   3CD2
#
_cell.length_a   37.425
_cell.length_b   43.556
_cell.length_c   61.659
_cell.angle_alpha   90.00
_cell.angle_beta   94.89
_cell.angle_gamma   90.00
#
_symmetry.space_group_name_H-M   'P 1 21 1'
#
loop_
_entity.id
_entity.type
_entity.pdbx_description
1 polymer 'DIHYDROFOLATE REDUCTASE'
2 non-polymer 'NADP NICOTINAMIDE-ADENINE-DINUCLEOTIDE PHOSPHATE'
3 non-polymer METHOTREXATE
4 water water
#
_entity_poly.entity_id   1
_entity_poly.type   'polypeptide(L)'
_entity_poly.pdbx_seq_one_letter_code
;MNQQKSLTLIVALTTSYGIGRSNSLPWKLKKEISYFKRVTSFVPTFDSFESMNVVLMGRKTWESIPLQFRPLKGRINVVI
TRNESLDLGNGIHSAKSLDHALELLYRTYGSESSVQINRIFVIGGAQLYKAAMDHPKLDRIMATIIYKDIHCDVFFPLKF
RDKEWSSVWKKEKHSDLESWVGTKVPHGKINEDGFDYEFEMWTRDL
;
_entity_poly.pdbx_strand_id   A
#
# COMPACT_ATOMS: atom_id res chain seq x y z
N MET A 1 -2.64 -21.36 -2.96
CA MET A 1 -4.06 -21.46 -3.38
C MET A 1 -4.70 -20.14 -2.90
N ASN A 2 -4.46 -19.85 -1.63
CA ASN A 2 -4.99 -18.61 -1.06
C ASN A 2 -3.90 -17.55 -0.94
N GLN A 3 -2.71 -17.99 -0.58
CA GLN A 3 -1.55 -17.12 -0.35
C GLN A 3 -0.26 -17.54 -1.05
N GLN A 4 0.01 -17.04 -2.22
CA GLN A 4 1.26 -17.44 -2.93
C GLN A 4 2.32 -16.35 -2.72
N LYS A 5 1.84 -15.12 -2.94
CA LYS A 5 2.79 -14.00 -2.77
C LYS A 5 2.78 -13.48 -1.33
N SER A 6 3.71 -12.57 -1.14
CA SER A 6 3.91 -11.88 0.15
C SER A 6 3.10 -10.59 0.04
N LEU A 7 2.66 -10.06 1.17
CA LEU A 7 1.91 -8.80 1.08
C LEU A 7 2.88 -7.66 1.41
N THR A 8 2.66 -6.52 0.80
CA THR A 8 3.42 -5.30 1.02
C THR A 8 2.37 -4.24 1.38
N LEU A 9 2.69 -3.43 2.36
CA LEU A 9 1.83 -2.36 2.87
C LEU A 9 2.50 -1.05 2.52
N ILE A 10 1.76 -0.07 2.07
CA ILE A 10 2.42 1.22 1.76
C ILE A 10 1.61 2.26 2.53
N VAL A 11 2.34 3.05 3.35
CA VAL A 11 1.66 4.09 4.18
C VAL A 11 2.53 5.33 4.34
N ALA A 12 1.94 6.41 4.77
CA ALA A 12 2.64 7.72 4.99
C ALA A 12 2.15 8.05 6.40
N LEU A 13 3.05 8.19 7.38
CA LEU A 13 2.44 8.45 8.72
C LEU A 13 3.24 9.48 9.46
N THR A 14 2.72 10.15 10.45
CA THR A 14 3.53 11.10 11.23
C THR A 14 4.28 10.26 12.26
N THR A 15 5.23 10.86 12.98
CA THR A 15 6.06 10.17 13.97
C THR A 15 5.26 9.60 15.16
N SER A 16 4.04 10.07 15.26
CA SER A 16 3.05 9.72 16.25
C SER A 16 2.00 8.74 15.69
N TYR A 17 2.26 8.12 14.56
CA TYR A 17 1.51 7.16 13.79
C TYR A 17 0.16 7.56 13.24
N GLY A 18 -0.10 8.85 13.10
CA GLY A 18 -1.35 9.37 12.54
C GLY A 18 -1.27 9.23 11.01
N ILE A 19 -2.34 8.74 10.41
CA ILE A 19 -2.47 8.53 8.96
C ILE A 19 -3.64 9.31 8.34
N GLY A 20 -4.59 9.83 9.09
CA GLY A 20 -5.73 10.55 8.54
C GLY A 20 -6.37 11.57 9.46
N ARG A 21 -7.32 12.32 8.97
CA ARG A 21 -8.09 13.34 9.68
C ARG A 21 -9.20 13.75 8.71
N SER A 22 -10.43 13.71 9.16
CA SER A 22 -11.65 14.04 8.43
C SER A 22 -11.82 13.31 7.11
N ASN A 23 -11.57 12.00 7.22
CA ASN A 23 -11.65 11.00 6.16
C ASN A 23 -10.86 11.47 4.93
N SER A 24 -9.84 12.22 5.29
CA SER A 24 -8.91 12.82 4.31
C SER A 24 -7.47 12.63 4.78
N LEU A 25 -6.55 13.19 4.03
CA LEU A 25 -5.10 13.13 4.36
C LEU A 25 -4.80 14.48 4.96
N PRO A 26 -4.32 14.55 6.17
CA PRO A 26 -4.07 15.89 6.76
C PRO A 26 -3.09 16.66 5.89
N TRP A 27 -2.49 16.09 4.88
CA TRP A 27 -1.51 16.80 4.03
C TRP A 27 -1.69 16.68 2.53
N LYS A 28 -0.93 17.49 1.80
CA LYS A 28 -0.92 17.57 0.33
C LYS A 28 0.48 17.53 -0.24
N LEU A 29 0.93 16.33 -0.60
CA LEU A 29 2.30 16.16 -1.10
C LEU A 29 2.37 15.64 -2.52
N LYS A 30 2.70 16.54 -3.44
CA LYS A 30 2.78 16.11 -4.85
C LYS A 30 3.86 15.06 -5.03
N LYS A 31 5.02 15.20 -4.42
CA LYS A 31 6.11 14.21 -4.60
C LYS A 31 5.84 12.93 -3.83
N GLU A 32 5.14 13.06 -2.70
CA GLU A 32 4.75 11.88 -1.91
C GLU A 32 3.83 11.04 -2.79
N ILE A 33 2.79 11.59 -3.41
CA ILE A 33 1.84 10.89 -4.29
C ILE A 33 2.45 10.28 -5.56
N SER A 34 3.47 10.90 -6.13
CA SER A 34 4.21 10.40 -7.28
C SER A 34 5.05 9.19 -6.88
N TYR A 35 5.65 9.18 -5.70
CA TYR A 35 6.42 8.03 -5.23
C TYR A 35 5.38 6.89 -5.12
N PHE A 36 4.20 7.30 -4.60
CA PHE A 36 3.13 6.28 -4.40
C PHE A 36 2.96 5.57 -5.74
N LYS A 37 2.50 6.32 -6.74
CA LYS A 37 2.27 5.86 -8.09
C LYS A 37 3.36 4.95 -8.66
N ARG A 38 4.56 5.47 -8.52
CA ARG A 38 5.82 4.86 -8.97
C ARG A 38 5.98 3.47 -8.40
N VAL A 39 6.04 3.39 -7.08
CA VAL A 39 6.17 2.15 -6.32
C VAL A 39 5.08 1.12 -6.66
N THR A 40 3.82 1.48 -6.61
CA THR A 40 2.73 0.54 -6.90
C THR A 40 2.47 0.25 -8.36
N SER A 41 3.02 0.93 -9.34
CA SER A 41 2.81 0.71 -10.79
C SER A 41 3.95 -0.06 -11.45
N PHE A 42 5.12 0.12 -10.86
CA PHE A 42 6.36 -0.50 -11.31
C PHE A 42 6.27 -2.01 -11.32
N VAL A 43 6.73 -2.57 -12.43
CA VAL A 43 6.84 -3.99 -12.78
C VAL A 43 7.99 -4.05 -13.77
N PRO A 44 8.90 -5.00 -13.56
CA PRO A 44 10.07 -5.14 -14.46
C PRO A 44 9.63 -5.10 -15.93
N THR A 45 10.43 -4.39 -16.71
CA THR A 45 10.18 -4.22 -18.16
C THR A 45 9.88 -5.55 -18.87
N PHE A 46 10.87 -6.44 -18.87
CA PHE A 46 10.75 -7.76 -19.46
C PHE A 46 9.43 -8.44 -19.09
N ASP A 47 8.95 -8.16 -17.89
CA ASP A 47 7.67 -8.74 -17.42
C ASP A 47 6.54 -7.71 -17.66
N SER A 48 6.86 -6.49 -18.01
CA SER A 48 5.91 -5.42 -18.27
C SER A 48 4.89 -5.78 -19.37
N PHE A 49 5.14 -6.95 -19.93
CA PHE A 49 4.28 -7.43 -21.02
C PHE A 49 2.99 -8.05 -20.49
N GLU A 50 3.16 -9.03 -19.64
CA GLU A 50 2.13 -9.81 -18.97
C GLU A 50 1.59 -9.28 -17.64
N SER A 51 2.40 -8.72 -16.75
CA SER A 51 2.02 -8.28 -15.42
C SER A 51 1.60 -6.87 -15.04
N MET A 52 0.85 -6.93 -13.95
CA MET A 52 0.24 -5.80 -13.22
C MET A 52 0.42 -6.08 -11.72
N ASN A 53 0.44 -5.03 -10.91
CA ASN A 53 0.56 -5.20 -9.45
C ASN A 53 -0.88 -5.13 -8.91
N VAL A 54 -1.01 -5.26 -7.59
CA VAL A 54 -2.38 -5.15 -7.07
C VAL A 54 -2.48 -4.11 -5.98
N VAL A 55 -3.55 -3.35 -6.00
CA VAL A 55 -3.83 -2.25 -5.02
C VAL A 55 -5.12 -2.75 -4.37
N LEU A 56 -4.99 -3.04 -3.08
CA LEU A 56 -6.10 -3.56 -2.27
C LEU A 56 -6.40 -2.37 -1.32
N MET A 57 -7.66 -2.01 -1.23
CA MET A 57 -8.05 -0.87 -0.38
C MET A 57 -9.42 -1.17 0.20
N GLY A 58 -9.79 -0.48 1.24
CA GLY A 58 -11.06 -0.56 1.93
C GLY A 58 -11.94 0.53 1.27
N ARG A 59 -13.25 0.35 1.40
CA ARG A 59 -14.28 1.19 0.82
C ARG A 59 -14.11 2.69 0.93
N LYS A 60 -13.74 3.13 2.11
CA LYS A 60 -13.58 4.56 2.39
C LYS A 60 -12.44 5.19 1.61
N THR A 61 -11.37 4.48 1.45
CA THR A 61 -10.18 4.94 0.73
C THR A 61 -10.56 5.10 -0.73
N TRP A 62 -11.31 4.11 -1.17
CA TRP A 62 -11.79 4.13 -2.56
C TRP A 62 -12.62 5.40 -2.79
N GLU A 63 -13.50 5.75 -1.88
CA GLU A 63 -14.37 6.91 -1.94
C GLU A 63 -13.59 8.23 -1.84
N SER A 64 -12.42 8.19 -1.24
CA SER A 64 -11.57 9.39 -1.03
C SER A 64 -10.73 9.78 -2.25
N ILE A 65 -10.28 8.80 -2.99
CA ILE A 65 -9.46 8.98 -4.18
C ILE A 65 -10.17 9.83 -5.24
N PRO A 66 -9.58 10.94 -5.59
CA PRO A 66 -10.11 11.84 -6.62
C PRO A 66 -10.69 11.00 -7.72
N LEU A 67 -11.97 11.19 -7.93
CA LEU A 67 -12.77 10.47 -8.92
C LEU A 67 -12.22 10.49 -10.32
N GLN A 68 -11.32 11.39 -10.55
CA GLN A 68 -10.61 11.63 -11.81
C GLN A 68 -9.41 10.70 -11.90
N PHE A 69 -9.04 10.17 -10.73
CA PHE A 69 -7.89 9.27 -10.63
C PHE A 69 -8.24 7.84 -10.24
N ARG A 70 -9.52 7.54 -10.20
CA ARG A 70 -10.09 6.24 -9.85
C ARG A 70 -10.72 5.62 -11.09
N PRO A 71 -10.40 4.39 -11.42
CA PRO A 71 -9.48 3.50 -10.72
C PRO A 71 -8.01 3.85 -10.90
N LEU A 72 -7.19 3.37 -9.98
CA LEU A 72 -5.74 3.65 -10.04
C LEU A 72 -5.35 3.04 -11.38
N LYS A 73 -4.83 3.84 -12.34
CA LYS A 73 -4.42 3.41 -13.67
C LYS A 73 -3.20 2.51 -13.59
N GLY A 74 -3.25 1.48 -14.42
CA GLY A 74 -2.18 0.49 -14.55
C GLY A 74 -2.08 -0.58 -13.48
N ARG A 75 -2.92 -0.59 -12.46
CA ARG A 75 -2.79 -1.60 -11.40
C ARG A 75 -4.11 -2.33 -11.15
N ILE A 76 -4.04 -3.62 -10.83
CA ILE A 76 -5.32 -4.31 -10.52
C ILE A 76 -5.82 -3.74 -9.20
N ASN A 77 -6.99 -3.12 -9.31
CA ASN A 77 -7.68 -2.49 -8.18
C ASN A 77 -8.75 -3.41 -7.58
N VAL A 78 -8.68 -3.53 -6.26
CA VAL A 78 -9.65 -4.36 -5.53
C VAL A 78 -10.14 -3.66 -4.27
N VAL A 79 -11.42 -3.42 -4.14
CA VAL A 79 -11.97 -2.75 -2.94
C VAL A 79 -12.48 -3.79 -1.95
N ILE A 80 -12.14 -3.70 -0.67
CA ILE A 80 -12.55 -4.65 0.36
C ILE A 80 -13.83 -4.10 0.96
N THR A 81 -14.92 -4.86 0.92
CA THR A 81 -16.19 -4.35 1.46
C THR A 81 -17.18 -5.43 1.85
N ARG A 82 -17.78 -5.25 3.02
CA ARG A 82 -18.76 -6.27 3.44
C ARG A 82 -20.08 -5.99 2.72
N ASN A 83 -20.52 -4.79 2.86
CA ASN A 83 -21.77 -4.30 2.27
C ASN A 83 -21.46 -3.97 0.81
N GLU A 84 -21.54 -5.01 0.03
CA GLU A 84 -21.27 -4.98 -1.41
C GLU A 84 -22.37 -5.75 -2.14
N SER A 85 -23.34 -4.92 -2.50
CA SER A 85 -24.53 -5.31 -3.24
C SER A 85 -24.26 -4.92 -4.70
N LEU A 86 -24.01 -3.62 -4.84
CA LEU A 86 -23.73 -3.00 -6.13
C LEU A 86 -22.44 -2.20 -6.13
N ASP A 87 -21.29 -2.90 -6.18
CA ASP A 87 -20.04 -2.09 -6.21
C ASP A 87 -20.12 -1.47 -7.64
N LEU A 88 -19.38 -0.40 -7.79
CA LEU A 88 -19.36 0.24 -9.11
C LEU A 88 -17.96 0.01 -9.68
N GLY A 89 -17.96 -0.60 -10.84
CA GLY A 89 -16.70 -0.89 -11.52
C GLY A 89 -16.87 -1.71 -12.78
N ASN A 90 -16.05 -1.33 -13.73
CA ASN A 90 -15.93 -1.95 -15.05
C ASN A 90 -14.62 -2.74 -14.88
N GLY A 91 -14.78 -3.93 -14.32
CA GLY A 91 -13.64 -4.82 -14.07
C GLY A 91 -12.81 -4.39 -12.87
N ILE A 92 -13.48 -3.80 -11.90
CA ILE A 92 -12.85 -3.37 -10.64
C ILE A 92 -13.57 -4.32 -9.66
N HIS A 93 -12.76 -5.21 -9.12
CA HIS A 93 -13.28 -6.22 -8.18
C HIS A 93 -13.60 -5.65 -6.81
N SER A 94 -14.32 -6.44 -6.07
CA SER A 94 -14.85 -6.20 -4.72
C SER A 94 -14.56 -7.52 -4.02
N ALA A 95 -14.38 -7.62 -2.73
CA ALA A 95 -14.06 -8.90 -2.07
C ALA A 95 -14.45 -8.66 -0.62
N LYS A 96 -14.93 -9.67 0.08
CA LYS A 96 -15.42 -9.35 1.44
C LYS A 96 -14.37 -9.29 2.51
N SER A 97 -13.15 -9.61 2.10
CA SER A 97 -12.02 -9.58 3.04
C SER A 97 -10.79 -9.83 2.19
N LEU A 98 -9.66 -9.63 2.82
CA LEU A 98 -8.32 -9.79 2.26
C LEU A 98 -8.11 -11.21 1.77
N ASP A 99 -8.55 -12.20 2.52
CA ASP A 99 -8.35 -13.61 2.13
C ASP A 99 -9.20 -14.00 0.93
N HIS A 100 -10.37 -13.44 0.84
CA HIS A 100 -11.38 -13.61 -0.20
C HIS A 100 -10.89 -12.83 -1.44
N ALA A 101 -10.31 -11.68 -1.12
CA ALA A 101 -9.70 -10.88 -2.20
C ALA A 101 -8.57 -11.75 -2.76
N LEU A 102 -7.76 -12.42 -1.94
CA LEU A 102 -6.64 -13.24 -2.44
C LEU A 102 -7.08 -14.42 -3.27
N GLU A 103 -8.14 -15.12 -2.91
CA GLU A 103 -8.63 -16.26 -3.72
C GLU A 103 -9.36 -15.73 -4.94
N LEU A 104 -10.03 -14.59 -4.87
CA LEU A 104 -10.71 -14.04 -6.08
C LEU A 104 -9.59 -13.92 -7.12
N LEU A 105 -8.59 -13.11 -6.90
CA LEU A 105 -7.43 -12.86 -7.74
C LEU A 105 -6.71 -14.12 -8.22
N TYR A 106 -6.57 -15.00 -7.22
CA TYR A 106 -5.84 -16.25 -7.60
C TYR A 106 -6.73 -17.05 -8.53
N ARG A 107 -8.03 -16.85 -8.52
CA ARG A 107 -8.96 -17.55 -9.42
C ARG A 107 -9.19 -16.85 -10.77
N THR A 108 -9.07 -15.54 -10.85
CA THR A 108 -9.29 -14.76 -12.07
C THR A 108 -8.04 -14.66 -12.91
N TYR A 109 -6.94 -14.41 -12.24
CA TYR A 109 -5.61 -14.23 -12.86
C TYR A 109 -4.77 -15.48 -12.78
N GLY A 110 -5.30 -16.52 -13.40
CA GLY A 110 -4.76 -17.87 -13.52
C GLY A 110 -4.21 -18.05 -14.96
N SER A 111 -3.39 -19.08 -15.10
CA SER A 111 -2.72 -19.44 -16.35
C SER A 111 -3.58 -19.24 -17.60
N GLU A 112 -4.87 -19.20 -17.35
CA GLU A 112 -5.89 -18.99 -18.41
C GLU A 112 -5.60 -17.54 -18.83
N SER A 113 -5.72 -16.67 -17.85
CA SER A 113 -5.49 -15.24 -17.91
C SER A 113 -4.24 -14.89 -18.72
N SER A 114 -4.37 -13.80 -19.42
CA SER A 114 -3.36 -13.17 -20.28
C SER A 114 -2.61 -12.16 -19.39
N VAL A 115 -3.31 -11.84 -18.31
CA VAL A 115 -2.87 -10.93 -17.26
C VAL A 115 -2.56 -11.80 -16.02
N GLN A 116 -1.37 -11.59 -15.51
CA GLN A 116 -0.74 -12.19 -14.35
C GLN A 116 -0.28 -11.06 -13.41
N ILE A 117 -0.40 -11.29 -12.14
CA ILE A 117 -0.02 -10.37 -11.07
C ILE A 117 1.46 -10.47 -10.78
N ASN A 118 2.01 -9.32 -10.43
CA ASN A 118 3.44 -9.22 -10.06
C ASN A 118 3.48 -9.17 -8.53
N ARG A 119 3.17 -8.00 -8.00
CA ARG A 119 3.13 -7.70 -6.58
C ARG A 119 1.76 -7.25 -6.11
N ILE A 120 1.50 -7.46 -4.82
CA ILE A 120 0.28 -7.10 -4.12
C ILE A 120 0.55 -6.14 -2.96
N PHE A 121 -0.10 -5.01 -2.95
CA PHE A 121 -0.07 -3.91 -2.06
C PHE A 121 -1.40 -3.69 -1.34
N VAL A 122 -1.26 -3.36 -0.06
CA VAL A 122 -2.40 -2.98 0.77
C VAL A 122 -2.11 -1.47 0.86
N ILE A 123 -2.97 -0.58 0.43
CA ILE A 123 -2.80 0.84 0.43
C ILE A 123 -3.57 1.62 1.47
N GLY A 124 -4.41 0.97 2.23
CA GLY A 124 -5.24 1.56 3.27
C GLY A 124 -6.69 1.14 3.29
N GLY A 125 -7.49 1.64 4.24
CA GLY A 125 -7.12 2.58 5.32
C GLY A 125 -6.81 1.92 6.65
N ALA A 126 -7.01 2.66 7.70
CA ALA A 126 -6.75 2.19 9.08
C ALA A 126 -7.29 0.77 9.25
N GLN A 127 -8.54 0.63 8.92
CA GLN A 127 -9.24 -0.63 9.08
C GLN A 127 -8.58 -1.77 8.32
N LEU A 128 -8.19 -1.65 7.12
CA LEU A 128 -7.55 -2.70 6.30
C LEU A 128 -6.09 -2.90 6.67
N TYR A 129 -5.51 -1.86 7.24
CA TYR A 129 -4.13 -1.89 7.69
C TYR A 129 -4.16 -2.92 8.86
N LYS A 130 -5.16 -2.73 9.70
CA LYS A 130 -5.35 -3.61 10.89
C LYS A 130 -5.47 -5.08 10.51
N ALA A 131 -6.17 -5.43 9.46
CA ALA A 131 -6.30 -6.82 8.98
C ALA A 131 -4.99 -7.29 8.32
N ALA A 132 -4.37 -6.39 7.56
CA ALA A 132 -3.10 -6.72 6.89
C ALA A 132 -2.02 -7.05 7.89
N MET A 133 -1.90 -6.15 8.87
CA MET A 133 -0.92 -6.29 9.97
C MET A 133 -1.05 -7.67 10.62
N ASP A 134 -2.25 -8.20 10.77
CA ASP A 134 -2.37 -9.54 11.37
C ASP A 134 -2.17 -10.66 10.32
N HIS A 135 -2.18 -10.34 9.04
CA HIS A 135 -2.08 -11.43 8.03
C HIS A 135 -0.70 -12.05 8.08
N PRO A 136 -0.71 -13.39 8.04
CA PRO A 136 0.52 -14.20 8.08
C PRO A 136 1.37 -14.12 6.83
N LYS A 137 0.89 -13.46 5.78
CA LYS A 137 1.69 -13.30 4.55
C LYS A 137 2.26 -11.87 4.51
N LEU A 138 1.98 -10.99 5.45
CA LEU A 138 2.53 -9.60 5.38
C LEU A 138 3.96 -9.54 5.92
N ASP A 139 4.85 -9.18 5.00
CA ASP A 139 6.27 -9.11 5.38
C ASP A 139 7.05 -7.85 5.09
N ARG A 140 6.48 -6.85 4.48
CA ARG A 140 7.14 -5.61 4.10
C ARG A 140 6.24 -4.41 4.24
N ILE A 141 6.89 -3.36 4.74
CA ILE A 141 6.20 -2.09 4.93
C ILE A 141 6.95 -1.00 4.14
N MET A 142 6.24 -0.31 3.29
CA MET A 142 6.78 0.77 2.46
C MET A 142 6.22 2.01 3.19
N ALA A 143 7.10 2.62 3.97
CA ALA A 143 6.62 3.78 4.77
C ALA A 143 7.38 5.06 4.49
N THR A 144 6.60 6.10 4.51
CA THR A 144 7.00 7.48 4.36
C THR A 144 6.76 8.13 5.72
N ILE A 145 7.82 8.63 6.36
CA ILE A 145 7.68 9.26 7.69
C ILE A 145 7.77 10.78 7.54
N ILE A 146 6.80 11.44 8.14
CA ILE A 146 6.58 12.90 8.17
C ILE A 146 6.89 13.47 9.54
N TYR A 147 7.86 14.35 9.53
CA TYR A 147 8.38 15.00 10.72
C TYR A 147 7.74 16.31 11.14
N LYS A 148 6.46 16.12 11.30
CA LYS A 148 5.53 17.17 11.73
C LYS A 148 4.51 16.33 12.51
N ASP A 149 3.99 16.93 13.55
CA ASP A 149 2.99 16.23 14.42
C ASP A 149 1.71 17.02 14.12
N ILE A 150 1.08 16.55 13.05
CA ILE A 150 -0.13 17.23 12.59
C ILE A 150 -1.26 16.57 13.34
N HIS A 151 -2.38 17.28 13.45
CA HIS A 151 -3.53 16.64 14.16
C HIS A 151 -4.22 15.68 13.20
N CYS A 152 -4.37 14.46 13.63
CA CYS A 152 -4.95 13.28 12.98
C CYS A 152 -5.97 12.65 13.94
N ASP A 153 -6.89 11.87 13.44
CA ASP A 153 -7.85 11.22 14.37
C ASP A 153 -7.86 9.72 14.08
N VAL A 154 -7.07 9.26 13.16
CA VAL A 154 -6.81 7.93 12.62
C VAL A 154 -5.28 7.66 12.73
N PHE A 155 -5.03 6.52 13.38
CA PHE A 155 -3.68 6.06 13.65
C PHE A 155 -3.49 4.64 13.10
N PHE A 156 -2.23 4.40 12.83
CA PHE A 156 -1.69 3.16 12.31
C PHE A 156 -1.68 2.21 13.52
N PRO A 157 -2.15 0.97 13.33
CA PRO A 157 -2.29 -0.01 14.39
C PRO A 157 -1.19 -0.70 15.13
N LEU A 158 0.04 -0.67 14.72
CA LEU A 158 1.17 -1.33 15.42
C LEU A 158 2.32 -0.36 15.17
N LYS A 159 2.94 -0.11 16.30
CA LYS A 159 4.07 0.81 16.46
C LYS A 159 5.31 0.04 16.07
N PHE A 160 5.34 -0.28 14.80
CA PHE A 160 6.37 -1.02 14.11
C PHE A 160 7.78 -0.44 14.24
N ARG A 161 7.90 0.84 14.46
CA ARG A 161 9.20 1.53 14.55
C ARG A 161 9.66 1.73 16.00
N ASP A 162 8.92 1.28 16.99
CA ASP A 162 9.21 1.44 18.42
C ASP A 162 10.01 0.24 18.91
N LYS A 163 10.81 0.44 19.94
CA LYS A 163 11.71 -0.55 20.51
C LYS A 163 11.07 -1.91 20.71
N GLU A 164 9.82 -1.91 21.12
CA GLU A 164 9.08 -3.14 21.37
C GLU A 164 8.97 -4.08 20.20
N TRP A 165 9.03 -3.58 18.97
CA TRP A 165 8.92 -4.50 17.82
C TRP A 165 10.22 -4.63 17.09
N SER A 166 11.31 -4.24 17.65
CA SER A 166 12.66 -4.17 17.09
C SER A 166 13.33 -5.49 16.81
N SER A 167 12.75 -6.53 17.41
CA SER A 167 13.32 -7.88 17.16
C SER A 167 12.50 -8.40 15.98
N VAL A 168 11.33 -7.77 15.74
CA VAL A 168 10.52 -8.31 14.60
C VAL A 168 10.69 -7.41 13.40
N TRP A 169 10.45 -6.14 13.50
CA TRP A 169 10.63 -5.24 12.35
C TRP A 169 12.03 -4.68 12.27
N LYS A 170 12.61 -4.82 11.09
CA LYS A 170 13.95 -4.34 10.79
C LYS A 170 13.90 -3.38 9.62
N LYS A 171 14.63 -2.28 9.74
CA LYS A 171 14.71 -1.21 8.79
C LYS A 171 15.88 -1.47 7.85
N GLU A 172 15.52 -1.70 6.62
CA GLU A 172 16.49 -1.98 5.56
C GLU A 172 17.27 -0.78 5.07
N LYS A 173 18.46 -1.00 4.56
CA LYS A 173 19.30 0.08 4.02
C LYS A 173 18.69 0.59 2.72
N HIS A 174 18.81 1.88 2.49
CA HIS A 174 18.27 2.63 1.35
C HIS A 174 18.56 2.02 0.00
N SER A 175 19.76 1.50 -0.10
CA SER A 175 20.29 0.85 -1.33
C SER A 175 19.36 -0.34 -1.59
N ASP A 176 18.86 -0.90 -0.51
CA ASP A 176 17.93 -2.02 -0.58
C ASP A 176 16.55 -1.51 -0.99
N LEU A 177 16.25 -0.30 -0.58
CA LEU A 177 14.93 0.28 -0.91
C LEU A 177 14.79 0.30 -2.43
N GLU A 178 15.74 1.02 -3.01
CA GLU A 178 15.86 1.27 -4.44
C GLU A 178 15.96 0.00 -5.26
N SER A 179 16.55 -1.01 -4.65
CA SER A 179 16.67 -2.27 -5.39
C SER A 179 15.27 -2.84 -5.60
N TRP A 180 14.42 -2.77 -4.61
CA TRP A 180 13.05 -3.30 -4.64
C TRP A 180 12.06 -2.51 -5.46
N VAL A 181 11.98 -1.21 -5.33
CA VAL A 181 11.07 -0.36 -6.08
C VAL A 181 11.73 -0.02 -7.43
N GLY A 182 12.74 -0.79 -7.76
CA GLY A 182 13.49 -0.67 -8.99
C GLY A 182 13.86 0.68 -9.53
N THR A 183 14.31 1.60 -8.67
CA THR A 183 14.70 2.96 -9.12
C THR A 183 15.41 3.75 -8.04
N LYS A 184 16.13 4.76 -8.45
CA LYS A 184 16.87 5.63 -7.50
C LYS A 184 15.78 6.43 -6.79
N VAL A 185 15.90 6.52 -5.48
CA VAL A 185 14.91 7.25 -4.66
C VAL A 185 15.66 8.26 -3.80
N PRO A 186 15.03 9.39 -3.54
CA PRO A 186 15.67 10.42 -2.69
C PRO A 186 15.97 9.78 -1.35
N HIS A 187 17.12 10.10 -0.81
CA HIS A 187 17.71 9.63 0.44
C HIS A 187 17.73 10.72 1.49
N GLY A 188 17.31 10.52 2.71
CA GLY A 188 17.40 11.69 3.63
C GLY A 188 16.06 12.41 3.37
N LYS A 189 15.95 13.56 4.00
CA LYS A 189 14.72 14.34 3.93
C LYS A 189 14.49 15.22 2.72
N ILE A 190 13.21 15.19 2.42
CA ILE A 190 12.57 15.97 1.36
C ILE A 190 11.66 16.95 2.11
N ASN A 191 11.69 18.19 1.68
CA ASN A 191 10.82 19.19 2.34
C ASN A 191 9.91 19.76 1.26
N GLU A 192 8.64 19.73 1.61
CA GLU A 192 7.55 20.21 0.75
C GLU A 192 6.44 20.85 1.55
N ASP A 193 6.03 22.01 1.03
CA ASP A 193 4.94 22.84 1.57
C ASP A 193 5.02 22.82 3.10
N GLY A 194 6.29 22.96 3.50
CA GLY A 194 6.72 23.02 4.90
C GLY A 194 6.88 21.70 5.61
N PHE A 195 6.64 20.60 4.92
CA PHE A 195 6.74 19.26 5.51
C PHE A 195 8.08 18.59 5.24
N ASP A 196 8.59 17.97 6.28
CA ASP A 196 9.86 17.24 6.15
C ASP A 196 9.54 15.74 6.21
N TYR A 197 9.78 14.96 5.18
CA TYR A 197 9.52 13.53 5.17
C TYR A 197 10.67 12.71 4.56
N GLU A 198 10.52 11.44 4.92
CA GLU A 198 11.48 10.42 4.52
C GLU A 198 10.92 9.04 4.23
N PHE A 199 11.48 8.37 3.22
CA PHE A 199 11.21 7.05 2.69
C PHE A 199 12.00 5.93 3.40
N GLU A 200 11.29 4.94 3.91
CA GLU A 200 11.90 3.80 4.62
C GLU A 200 11.21 2.48 4.24
N MET A 201 12.03 1.44 4.42
CA MET A 201 11.62 0.09 4.09
C MET A 201 11.99 -0.84 5.25
N TRP A 202 10.85 -1.36 5.75
CA TRP A 202 10.86 -2.25 6.92
C TRP A 202 10.46 -3.66 6.51
N THR A 203 11.28 -4.61 6.95
CA THR A 203 10.96 -6.01 6.62
C THR A 203 10.88 -6.83 7.92
N ARG A 204 10.27 -8.00 7.80
CA ARG A 204 10.05 -8.95 8.87
C ARG A 204 10.12 -10.35 8.29
N ASP A 205 10.56 -11.24 9.12
CA ASP A 205 10.67 -12.68 8.80
C ASP A 205 9.27 -13.23 9.19
N LEU A 206 8.87 -14.21 8.43
CA LEU A 206 7.60 -14.93 8.53
C LEU A 206 7.79 -16.35 9.05
#